data_4GEY
#
_entry.id   4GEY
#
_cell.length_a   88.343
_cell.length_b   88.343
_cell.length_c   177.706
_cell.angle_alpha   90.00
_cell.angle_beta   90.00
_cell.angle_gamma   120.00
#
_symmetry.space_group_name_H-M   'P 31 2 1'
#
loop_
_entity.id
_entity.type
_entity.pdbx_description
1 polymer 'Porin B'
2 non-polymer beta-D-glucopyranose
3 non-polymer (HYDROXYETHYLOXY)TRI(ETHYLOXY)OCTANE
4 non-polymer DECYL-BETA-D-MALTOPYRANOSIDE
5 non-polymer 'PHOSPHATE ION'
6 water water
#
_entity_poly.entity_id   1
_entity_poly.type   'polypeptide(L)'
_entity_poly.pdbx_seq_one_letter_code
;ANVRLQHHHHHHHLEAEAFSSESKW(MSE)TGDWGGTRTELLDKGYDFTLDYVGEVAGNLHGGYNDDKTARYSDQFALGA
HLDLQKILGWHDAEFKLAITERSGRNLSNDRISDPRAGQFSSVQEVWGRGQTWRLTQ(MSE)WIKQKYFDGALDVKFGRF
GEGEDFNSFPCDFQNLAFCGSQVGNWVGGIWYNWPVSQWALRVKYNITPAFFVQVGAFEQNPSNLETGNGFKLSGSGTKG
AI(MSE)P(MSE)EAVWSPKVNGLPGEYRLGYYYSTAKADDVYDDVNGNPQALTGEAFKSHSSKHGWWVVAQQQVTAHGG
DVNRGLSLFANFTVHDKATNVVDNYQQVGLVYKGAFDARPKDDIGFGVARIHVNDDVKKRAELLNAQSGINDYDNPGFVP
LQRTEYNAELYYGFHVTNWLTVRPNLQYIKSPGGVDEVDNALVAGLKIQSSF
;
_entity_poly.pdbx_strand_id   A
#
# COMPACT_ATOMS: atom_id res chain seq x y z
N GLU A 17 -27.90 8.44 15.26
CA GLU A 17 -27.55 9.18 14.06
C GLU A 17 -27.64 10.70 14.20
N ALA A 18 -26.78 11.38 13.44
CA ALA A 18 -26.85 12.80 13.01
C ALA A 18 -25.48 13.48 13.02
N PHE A 19 -24.72 13.27 14.11
CA PHE A 19 -23.37 13.81 14.28
C PHE A 19 -22.81 13.15 15.54
N SER A 20 -23.30 11.95 15.81
CA SER A 20 -23.24 11.33 17.13
C SER A 20 -22.09 10.34 17.34
N SER A 21 -21.79 10.10 18.61
CA SER A 21 -20.67 9.27 19.00
C SER A 21 -20.69 7.87 18.39
N GLU A 22 -21.87 7.27 18.30
CA GLU A 22 -21.95 5.87 17.86
C GLU A 22 -22.41 5.62 16.42
N SER A 23 -22.80 6.66 15.70
CA SER A 23 -23.06 6.50 14.27
C SER A 23 -21.74 6.25 13.55
N LYS A 24 -21.71 5.32 12.61
CA LYS A 24 -20.50 5.13 11.82
C LYS A 24 -20.45 6.11 10.64
N TRP A 25 -21.47 6.95 10.55
CA TRP A 25 -21.49 8.04 9.57
C TRP A 25 -21.66 9.42 10.24
N THR A 27 -22.82 12.08 8.95
CA THR A 27 -24.09 12.70 8.56
C THR A 27 -25.28 11.85 9.00
N GLY A 28 -24.98 10.75 9.68
CA GLY A 28 -25.98 9.86 10.23
C GLY A 28 -26.78 9.08 9.20
N ASP A 29 -28.00 8.69 9.59
CA ASP A 29 -28.87 7.89 8.73
C ASP A 29 -29.86 8.70 7.89
N TRP A 30 -29.65 10.00 7.83
CA TRP A 30 -30.50 10.89 7.05
C TRP A 30 -31.98 10.70 7.37
N GLY A 31 -32.31 10.61 8.65
CA GLY A 31 -33.70 10.50 9.06
C GLY A 31 -34.35 9.18 8.67
N GLY A 32 -33.52 8.16 8.50
CA GLY A 32 -34.00 6.82 8.22
C GLY A 32 -33.73 6.36 6.79
N THR A 33 -33.68 7.30 5.85
CA THR A 33 -33.56 6.93 4.43
C THR A 33 -32.24 6.24 4.07
N ARG A 34 -31.19 6.48 4.84
CA ARG A 34 -29.93 5.77 4.62
C ARG A 34 -30.11 4.30 5.03
N THR A 35 -30.75 4.07 6.16
CA THR A 35 -30.98 2.71 6.63
C THR A 35 -31.95 1.93 5.75
N GLU A 36 -32.90 2.62 5.13
CA GLU A 36 -33.77 1.98 4.14
C GLU A 36 -32.92 1.49 2.97
N LEU A 37 -32.25 2.44 2.31
CA LEU A 37 -31.39 2.14 1.18
C LEU A 37 -30.49 0.95 1.45
N LEU A 38 -29.94 0.89 2.66
CA LEU A 38 -29.16 -0.26 3.12
C LEU A 38 -29.95 -1.57 3.04
N ASP A 39 -31.22 -1.53 3.45
CA ASP A 39 -32.05 -2.73 3.46
C ASP A 39 -32.34 -3.14 2.03
N LYS A 40 -32.56 -2.14 1.16
CA LYS A 40 -32.84 -2.38 -0.25
C LYS A 40 -31.58 -2.83 -1.02
N GLY A 41 -30.42 -2.77 -0.38
CA GLY A 41 -29.20 -3.26 -0.99
C GLY A 41 -28.18 -2.22 -1.39
N TYR A 42 -28.41 -0.96 -1.00
CA TYR A 42 -27.52 0.14 -1.36
C TYR A 42 -26.71 0.69 -0.17
N ASP A 43 -25.39 0.66 -0.29
CA ASP A 43 -24.51 1.16 0.76
C ASP A 43 -23.64 2.25 0.15
N PHE A 44 -24.05 3.50 0.34
CA PHE A 44 -23.29 4.63 -0.18
C PHE A 44 -22.34 5.15 0.88
N THR A 45 -21.08 5.38 0.50
CA THR A 45 -20.08 5.82 1.44
C THR A 45 -19.22 6.96 0.92
N LEU A 46 -18.79 7.83 1.82
CA LEU A 46 -17.89 8.92 1.47
C LEU A 46 -16.85 9.02 2.58
N ASP A 47 -15.67 8.48 2.31
CA ASP A 47 -14.63 8.36 3.33
C ASP A 47 -13.50 9.34 3.09
N TYR A 48 -12.98 9.91 4.18
CA TYR A 48 -11.90 10.87 4.10
C TYR A 48 -10.64 10.43 4.82
N VAL A 49 -9.49 10.71 4.23
CA VAL A 49 -8.22 10.48 4.91
C VAL A 49 -7.34 11.68 4.72
N GLY A 50 -6.87 12.27 5.81
CA GLY A 50 -5.95 13.38 5.72
C GLY A 50 -4.66 13.04 6.44
N GLU A 51 -3.52 13.28 5.80
CA GLU A 51 -2.22 13.07 6.43
C GLU A 51 -1.30 14.31 6.43
N VAL A 52 -0.87 14.73 7.62
CA VAL A 52 0.07 15.83 7.77
C VAL A 52 1.45 15.31 8.12
N ALA A 53 2.49 15.93 7.57
CA ALA A 53 3.87 15.57 7.94
C ALA A 53 4.79 16.77 7.96
N GLY A 54 5.62 16.84 9.00
CA GLY A 54 6.57 17.92 9.12
C GLY A 54 7.89 17.39 9.63
N ASN A 55 8.99 17.83 9.03
CA ASN A 55 10.30 17.36 9.45
C ASN A 55 10.75 18.08 10.72
N LEU A 56 11.26 17.29 11.67
CA LEU A 56 11.71 17.83 12.95
C LEU A 56 13.23 17.86 13.02
N HIS A 57 13.86 16.92 12.32
CA HIS A 57 15.31 16.78 12.36
C HIS A 57 15.82 15.87 11.24
N GLY A 58 16.93 16.28 10.61
CA GLY A 58 17.63 15.42 9.65
C GLY A 58 17.02 15.36 8.27
N GLY A 59 17.28 14.26 7.56
CA GLY A 59 16.89 14.14 6.16
C GLY A 59 17.70 15.06 5.27
N TYR A 60 17.47 14.98 3.95
CA TYR A 60 18.34 15.68 3.02
C TYR A 60 18.37 17.18 3.25
N ASN A 61 17.19 17.74 3.44
CA ASN A 61 16.99 19.19 3.59
C ASN A 61 16.37 19.45 4.95
N ASP A 62 17.11 20.17 5.81
CA ASP A 62 16.69 20.34 7.19
C ASP A 62 15.91 21.62 7.48
N ASP A 63 15.60 22.39 6.44
CA ASP A 63 14.69 23.53 6.57
C ASP A 63 13.33 22.99 7.00
N LYS A 64 12.85 23.40 8.16
CA LYS A 64 11.62 22.83 8.72
C LYS A 64 10.39 23.41 8.05
N THR A 65 9.53 22.52 7.57
CA THR A 65 8.28 22.92 6.94
C THR A 65 7.22 21.86 7.23
N ALA A 66 6.10 21.92 6.54
CA ALA A 66 5.08 20.91 6.74
C ALA A 66 4.29 20.65 5.45
N ARG A 67 3.89 19.40 5.25
CA ARG A 67 3.15 19.08 4.05
C ARG A 67 1.87 18.37 4.40
N TYR A 68 0.88 18.53 3.53
CA TYR A 68 -0.41 17.95 3.77
C TYR A 68 -0.93 17.29 2.51
N SER A 69 -1.51 16.12 2.69
CA SER A 69 -1.99 15.34 1.58
C SER A 69 -3.28 14.70 2.06
N ASP A 70 -4.24 14.52 1.16
CA ASP A 70 -5.49 13.87 1.56
C ASP A 70 -6.18 13.06 0.46
N GLN A 71 -7.31 12.46 0.81
CA GLN A 71 -8.04 11.61 -0.13
C GLN A 71 -9.50 11.55 0.26
N PHE A 72 -10.36 11.70 -0.73
CA PHE A 72 -11.79 11.45 -0.58
C PHE A 72 -12.10 10.20 -1.37
N ALA A 73 -13.00 9.37 -0.85
CA ALA A 73 -13.39 8.16 -1.55
C ALA A 73 -14.90 8.01 -1.58
N LEU A 74 -15.49 8.03 -2.76
CA LEU A 74 -16.93 8.02 -2.93
C LEU A 74 -17.31 6.62 -3.42
N GLY A 75 -18.19 5.94 -2.71
CA GLY A 75 -18.45 4.54 -3.00
C GLY A 75 -19.90 4.15 -3.13
N ALA A 76 -20.16 3.14 -3.94
CA ALA A 76 -21.50 2.58 -4.07
C ALA A 76 -21.43 1.06 -4.08
N HIS A 77 -22.03 0.45 -3.08
CA HIS A 77 -21.95 -0.99 -2.85
C HIS A 77 -23.32 -1.60 -3.06
N LEU A 78 -23.45 -2.42 -4.11
CA LEU A 78 -24.77 -2.94 -4.44
C LEU A 78 -24.93 -4.42 -4.17
N ASP A 79 -25.97 -4.74 -3.40
CA ASP A 79 -26.39 -6.12 -3.18
C ASP A 79 -27.24 -6.50 -4.39
N LEU A 80 -26.63 -7.13 -5.40
CA LEU A 80 -27.34 -7.44 -6.64
C LEU A 80 -28.39 -8.55 -6.49
N GLN A 81 -28.40 -9.21 -5.34
CA GLN A 81 -29.39 -10.27 -5.13
C GLN A 81 -30.72 -9.64 -4.78
N LYS A 82 -30.70 -8.59 -3.96
CA LYS A 82 -31.91 -7.87 -3.63
C LYS A 82 -32.35 -7.03 -4.82
N ILE A 83 -31.39 -6.35 -5.41
CA ILE A 83 -31.65 -5.40 -6.49
C ILE A 83 -32.00 -6.05 -7.84
N LEU A 84 -31.32 -7.13 -8.20
CA LEU A 84 -31.48 -7.77 -9.51
C LEU A 84 -31.93 -9.23 -9.43
N GLY A 85 -31.91 -9.80 -8.22
CA GLY A 85 -32.25 -11.21 -8.06
C GLY A 85 -31.09 -12.15 -8.36
N TRP A 86 -29.89 -11.60 -8.56
CA TRP A 86 -28.71 -12.40 -8.86
C TRP A 86 -28.09 -13.00 -7.59
N HIS A 87 -28.20 -14.33 -7.43
CA HIS A 87 -27.78 -15.00 -6.19
C HIS A 87 -26.32 -14.73 -5.81
N ASP A 88 -26.10 -14.43 -4.53
CA ASP A 88 -24.95 -13.64 -4.05
C ASP A 88 -24.09 -13.02 -5.14
N ALA A 89 -24.55 -11.89 -5.62
CA ALA A 89 -23.79 -11.06 -6.53
C ALA A 89 -23.65 -9.70 -5.86
N GLU A 90 -22.57 -8.99 -6.18
CA GLU A 90 -22.28 -7.69 -5.62
C GLU A 90 -21.67 -6.82 -6.70
N PHE A 91 -22.04 -5.54 -6.72
CA PHE A 91 -21.36 -4.56 -7.56
C PHE A 91 -20.76 -3.49 -6.67
N LYS A 92 -19.58 -3.01 -7.05
CA LYS A 92 -18.96 -1.94 -6.29
C LYS A 92 -18.40 -0.84 -7.19
N LEU A 93 -18.80 0.38 -6.93
CA LEU A 93 -18.23 1.52 -7.63
C LEU A 93 -17.51 2.43 -6.62
N ALA A 94 -16.24 2.73 -6.91
CA ALA A 94 -15.49 3.64 -6.06
C ALA A 94 -14.73 4.66 -6.89
N ILE A 95 -14.87 5.93 -6.50
CA ILE A 95 -14.17 7.03 -7.13
C ILE A 95 -13.36 7.77 -6.08
N THR A 96 -12.12 8.14 -6.39
CA THR A 96 -11.31 8.87 -5.42
C THR A 96 -10.78 10.16 -6.03
N GLU A 97 -10.56 11.16 -5.18
CA GLU A 97 -9.69 12.28 -5.54
C GLU A 97 -8.74 12.54 -4.39
N ARG A 98 -7.50 12.83 -4.74
CA ARG A 98 -6.44 13.06 -3.78
C ARG A 98 -5.88 14.44 -4.02
N SER A 99 -5.38 15.09 -2.98
CA SER A 99 -4.81 16.43 -3.09
C SER A 99 -3.61 16.57 -2.17
N GLY A 100 -2.66 17.42 -2.55
CA GLY A 100 -1.61 17.80 -1.63
C GLY A 100 -0.21 17.42 -2.01
N ARG A 101 0.71 17.66 -1.07
CA ARG A 101 2.14 17.47 -1.29
C ARG A 101 2.74 16.53 -0.26
N ASN A 102 3.92 15.98 -0.59
CA ASN A 102 4.57 14.95 0.22
C ASN A 102 5.90 15.41 0.77
N LEU A 103 6.04 15.38 2.10
CA LEU A 103 7.31 15.69 2.78
C LEU A 103 8.51 14.89 2.27
N SER A 104 8.28 13.59 2.01
CA SER A 104 9.31 12.71 1.52
C SER A 104 10.03 13.27 0.28
N ASN A 105 9.26 13.87 -0.63
CA ASN A 105 9.87 14.50 -1.78
C ASN A 105 10.49 15.84 -1.43
N ASP A 106 9.74 16.66 -0.69
CA ASP A 106 10.06 18.06 -0.55
C ASP A 106 11.16 18.36 0.46
N ARG A 107 11.39 17.46 1.42
CA ARG A 107 12.48 17.65 2.41
C ARG A 107 13.40 16.44 2.66
N ILE A 108 12.84 15.24 2.80
CA ILE A 108 13.61 14.09 3.24
C ILE A 108 14.59 13.53 2.19
N SER A 109 14.10 13.35 0.96
CA SER A 109 14.85 12.66 -0.09
C SER A 109 16.04 13.41 -0.68
N ASP A 110 17.07 12.65 -1.03
CA ASP A 110 18.01 13.14 -2.00
C ASP A 110 17.22 13.32 -3.30
N PRO A 111 17.32 14.50 -3.92
CA PRO A 111 16.54 14.70 -5.16
C PRO A 111 16.91 13.76 -6.29
N ARG A 112 18.06 13.10 -6.25
CA ARG A 112 18.37 12.15 -7.32
C ARG A 112 18.30 10.69 -6.87
N ALA A 113 17.74 10.49 -5.68
CA ALA A 113 17.55 9.16 -5.12
C ALA A 113 16.53 9.25 -3.98
N GLY A 114 15.26 9.28 -4.36
CA GLY A 114 14.19 9.55 -3.44
C GLY A 114 13.92 8.38 -2.53
N GLN A 115 13.26 8.67 -1.41
CA GLN A 115 12.89 7.67 -0.43
C GLN A 115 12.03 6.57 -1.06
N PHE A 116 12.23 5.32 -0.64
CA PHE A 116 11.43 4.25 -1.18
C PHE A 116 10.05 4.29 -0.55
N SER A 117 10.01 4.23 0.77
CA SER A 117 8.77 4.44 1.51
C SER A 117 8.42 5.94 1.48
N SER A 118 7.41 6.31 2.24
CA SER A 118 6.83 7.64 2.17
C SER A 118 6.20 7.96 3.52
N VAL A 119 6.38 9.18 3.99
CA VAL A 119 5.89 9.55 5.31
C VAL A 119 4.44 10.00 5.26
N GLN A 120 3.86 9.97 4.07
CA GLN A 120 2.45 10.28 3.92
C GLN A 120 1.83 9.29 2.93
N GLU A 121 1.49 8.10 3.41
CA GLU A 121 1.01 7.02 2.53
C GLU A 121 -0.10 7.47 1.60
N VAL A 122 -0.93 8.41 2.02
CA VAL A 122 -2.07 8.73 1.21
C VAL A 122 -1.70 9.51 -0.07
N TRP A 123 -0.48 10.05 -0.12
CA TRP A 123 -0.02 10.79 -1.31
C TRP A 123 0.44 9.87 -2.45
N GLY A 124 0.06 10.21 -3.67
CA GLY A 124 0.67 9.55 -4.81
C GLY A 124 -0.29 9.18 -5.92
N ARG A 125 0.29 8.85 -7.07
CA ARG A 125 -0.45 8.41 -8.26
C ARG A 125 -1.21 9.52 -8.93
N GLY A 126 -0.76 10.76 -8.77
CA GLY A 126 -1.23 11.82 -9.63
C GLY A 126 -2.05 12.95 -9.03
N GLN A 127 -2.49 12.79 -7.78
CA GLN A 127 -3.26 13.83 -7.09
C GLN A 127 -4.47 14.34 -7.89
N THR A 128 -5.21 13.43 -8.52
CA THR A 128 -6.40 13.78 -9.29
C THR A 128 -7.57 12.85 -9.01
N TRP A 129 -8.52 12.83 -9.93
CA TRP A 129 -9.71 12.00 -9.84
C TRP A 129 -9.47 10.68 -10.56
N ARG A 130 -9.79 9.57 -9.89
CA ARG A 130 -9.58 8.27 -10.47
C ARG A 130 -10.79 7.37 -10.29
N LEU A 131 -11.04 6.54 -11.29
CA LEU A 131 -11.93 5.41 -11.15
C LEU A 131 -11.13 4.35 -10.41
N THR A 132 -11.53 4.08 -9.18
CA THR A 132 -10.69 3.34 -8.25
C THR A 132 -11.21 1.93 -8.03
N GLN A 133 -12.52 1.75 -8.17
CA GLN A 133 -13.13 0.43 -8.18
C GLN A 133 -14.36 0.43 -9.07
N TRP A 135 -16.47 -3.12 -10.08
CA TRP A 135 -16.47 -4.55 -10.27
C TRP A 135 -17.73 -5.26 -9.82
N ILE A 136 -17.99 -6.37 -10.49
CA ILE A 136 -19.11 -7.24 -10.16
C ILE A 136 -18.51 -8.53 -9.61
N LYS A 137 -19.20 -9.16 -8.68
CA LYS A 137 -18.69 -10.36 -8.04
C LYS A 137 -19.79 -11.37 -7.76
N GLN A 138 -19.56 -12.64 -8.04
CA GLN A 138 -20.55 -13.67 -7.70
C GLN A 138 -19.92 -14.90 -7.03
N LYS A 139 -20.61 -15.44 -6.04
CA LYS A 139 -20.15 -16.68 -5.42
C LYS A 139 -21.00 -17.86 -5.89
N TYR A 140 -20.45 -19.07 -5.81
CA TYR A 140 -21.18 -20.25 -6.26
C TYR A 140 -20.95 -21.41 -5.28
N PHE A 141 -21.87 -22.36 -5.25
CA PHE A 141 -21.77 -23.53 -4.38
C PHE A 141 -21.58 -23.12 -2.92
N ASP A 142 -22.56 -22.39 -2.39
CA ASP A 142 -22.55 -21.91 -1.01
C ASP A 142 -21.28 -21.16 -0.66
N GLY A 143 -20.85 -20.27 -1.55
CA GLY A 143 -19.67 -19.46 -1.30
C GLY A 143 -18.34 -20.18 -1.36
N ALA A 144 -18.31 -21.36 -1.98
CA ALA A 144 -17.06 -22.07 -2.15
C ALA A 144 -16.21 -21.46 -3.27
N LEU A 145 -16.85 -21.05 -4.37
CA LEU A 145 -16.12 -20.41 -5.46
C LEU A 145 -16.52 -18.95 -5.57
N ASP A 146 -15.54 -18.07 -5.69
CA ASP A 146 -15.78 -16.64 -5.68
C ASP A 146 -15.20 -16.01 -6.94
N VAL A 147 -16.05 -15.57 -7.86
CA VAL A 147 -15.56 -14.92 -9.07
C VAL A 147 -15.80 -13.41 -9.07
N LYS A 148 -14.76 -12.65 -9.40
CA LYS A 148 -14.77 -11.20 -9.33
C LYS A 148 -14.12 -10.58 -10.57
N PHE A 149 -14.84 -9.68 -11.23
CA PHE A 149 -14.37 -9.11 -12.50
C PHE A 149 -14.63 -7.61 -12.59
N GLY A 150 -13.70 -6.87 -13.18
CA GLY A 150 -13.89 -5.46 -13.41
C GLY A 150 -12.61 -4.66 -13.25
N ARG A 151 -12.69 -3.56 -12.51
CA ARG A 151 -11.51 -2.74 -12.28
C ARG A 151 -11.21 -2.53 -10.79
N PHE A 152 -9.97 -2.85 -10.41
CA PHE A 152 -9.47 -2.68 -9.05
C PHE A 152 -7.95 -2.87 -9.03
N GLY A 153 -7.31 -2.63 -7.89
CA GLY A 153 -5.87 -2.83 -7.77
C GLY A 153 -5.55 -4.17 -7.13
N GLU A 154 -4.36 -4.69 -7.37
CA GLU A 154 -3.97 -6.01 -6.89
C GLU A 154 -4.08 -6.14 -5.36
N GLY A 155 -3.77 -5.05 -4.66
CA GLY A 155 -3.68 -5.08 -3.21
C GLY A 155 -5.00 -5.27 -2.52
N GLU A 156 -6.08 -5.06 -3.26
CA GLU A 156 -7.42 -5.20 -2.72
C GLU A 156 -7.76 -6.67 -2.40
N ASP A 157 -7.16 -7.62 -3.11
CA ASP A 157 -7.36 -9.04 -2.82
C ASP A 157 -6.07 -9.75 -2.47
N PHE A 158 -4.98 -9.31 -3.07
CA PHE A 158 -3.71 -10.01 -2.92
C PHE A 158 -2.78 -9.24 -1.98
N ASN A 159 -2.08 -9.96 -1.10
CA ASN A 159 -1.02 -9.34 -0.29
C ASN A 159 -1.61 -8.21 0.56
N SER A 160 -2.90 -8.33 0.86
CA SER A 160 -3.63 -7.26 1.54
C SER A 160 -3.17 -7.06 2.97
N PHE A 161 -3.07 -5.80 3.38
CA PHE A 161 -2.64 -5.40 4.72
C PHE A 161 -3.37 -4.08 5.03
N PRO A 162 -3.74 -3.83 6.31
CA PRO A 162 -4.50 -2.62 6.64
C PRO A 162 -3.71 -1.34 6.44
N CYS A 163 -4.34 -0.21 6.73
CA CYS A 163 -3.70 1.07 6.48
C CYS A 163 -3.99 2.06 7.61
N ASP A 164 -3.55 1.71 8.80
CA ASP A 164 -3.72 2.60 9.94
C ASP A 164 -2.47 3.48 10.16
N PHE A 165 -1.29 2.92 9.89
CA PHE A 165 -0.04 3.67 10.00
C PHE A 165 -0.02 4.80 8.96
N GLN A 166 0.82 5.81 9.15
CA GLN A 166 0.91 6.86 8.16
C GLN A 166 2.00 6.53 7.13
N ASN A 167 3.05 5.86 7.62
CA ASN A 167 4.18 5.50 6.79
C ASN A 167 3.84 4.34 5.83
N LEU A 168 4.18 4.53 4.55
CA LEU A 168 3.83 3.58 3.49
C LEU A 168 4.24 2.17 3.82
N ALA A 169 5.41 2.00 4.44
CA ALA A 169 5.95 0.69 4.74
C ALA A 169 5.01 -0.15 5.61
N PHE A 170 4.05 0.50 6.29
CA PHE A 170 3.15 -0.20 7.20
C PHE A 170 1.70 -0.06 6.77
N CYS A 171 1.49 0.23 5.50
CA CYS A 171 0.14 0.48 5.00
C CYS A 171 -0.05 -0.16 3.62
N GLY A 172 -0.98 -1.09 3.52
CA GLY A 172 -1.41 -1.61 2.22
C GLY A 172 -0.55 -2.73 1.71
N SER A 173 -0.68 -3.06 0.44
CA SER A 173 0.09 -4.16 -0.12
C SER A 173 1.54 -3.76 -0.37
N GLN A 174 2.46 -4.40 0.33
CA GLN A 174 3.87 -4.01 0.26
C GLN A 174 4.48 -4.35 -1.10
N VAL A 175 4.03 -5.45 -1.70
CA VAL A 175 4.44 -5.80 -3.05
C VAL A 175 4.10 -4.62 -3.96
N GLY A 176 2.97 -3.96 -3.70
CA GLY A 176 2.60 -2.76 -4.42
C GLY A 176 3.55 -1.59 -4.24
N ASN A 177 4.33 -1.60 -3.17
CA ASN A 177 5.27 -0.51 -2.95
C ASN A 177 6.60 -0.75 -3.65
N TRP A 178 7.11 -1.97 -3.54
CA TRP A 178 8.46 -2.26 -3.99
C TRP A 178 8.54 -2.76 -5.44
N VAL A 179 7.40 -3.12 -6.01
CA VAL A 179 7.32 -3.38 -7.44
C VAL A 179 6.13 -2.55 -7.97
N GLY A 180 5.99 -1.38 -7.37
CA GLY A 180 4.95 -0.43 -7.75
C GLY A 180 5.08 0.13 -9.14
N GLY A 181 6.15 -0.19 -9.85
CA GLY A 181 6.29 0.18 -11.24
C GLY A 181 5.33 -0.56 -12.17
N ILE A 182 4.90 -1.77 -11.76
CA ILE A 182 3.94 -2.56 -12.57
C ILE A 182 2.67 -2.96 -11.80
N TRP A 183 2.78 -3.08 -10.48
CA TRP A 183 1.69 -3.52 -9.62
C TRP A 183 1.13 -2.26 -9.00
N TYR A 184 -0.15 -2.01 -9.21
CA TYR A 184 -0.73 -0.73 -8.79
C TYR A 184 -1.90 -0.91 -7.82
N ASN A 185 -1.68 -0.64 -6.56
CA ASN A 185 -2.77 -0.65 -5.60
C ASN A 185 -3.74 0.51 -5.79
N TRP A 186 -4.84 0.45 -5.04
CA TRP A 186 -5.66 1.62 -4.71
C TRP A 186 -4.74 2.82 -4.57
N PRO A 187 -5.02 3.90 -5.29
CA PRO A 187 -6.29 4.18 -5.96
C PRO A 187 -6.30 3.94 -7.47
N VAL A 188 -5.32 3.22 -8.01
CA VAL A 188 -5.30 2.95 -9.45
C VAL A 188 -6.18 1.75 -9.73
N SER A 189 -6.94 1.79 -10.82
CA SER A 189 -7.69 0.60 -11.24
C SER A 189 -7.15 0.06 -12.56
N GLN A 190 -7.45 -1.22 -12.81
CA GLN A 190 -7.05 -1.93 -14.04
C GLN A 190 -8.09 -3.01 -14.26
N TRP A 191 -8.22 -3.44 -15.51
CA TRP A 191 -9.09 -4.57 -15.79
C TRP A 191 -8.52 -5.80 -15.12
N ALA A 192 -9.36 -6.55 -14.42
CA ALA A 192 -8.87 -7.69 -13.68
C ALA A 192 -9.93 -8.77 -13.48
N LEU A 193 -9.44 -10.00 -13.34
CA LEU A 193 -10.25 -11.16 -13.03
C LEU A 193 -9.59 -11.87 -11.85
N ARG A 194 -10.37 -12.14 -10.81
CA ARG A 194 -9.83 -12.81 -9.64
C ARG A 194 -10.72 -13.98 -9.22
N VAL A 195 -10.15 -15.18 -9.20
CA VAL A 195 -10.92 -16.39 -8.85
C VAL A 195 -10.46 -16.93 -7.49
N LYS A 196 -11.43 -17.24 -6.63
CA LYS A 196 -11.14 -17.58 -5.25
C LYS A 196 -11.91 -18.83 -4.84
N TYR A 197 -11.18 -19.76 -4.24
CA TYR A 197 -11.75 -21.01 -3.77
C TYR A 197 -11.64 -21.00 -2.26
N ASN A 198 -12.78 -21.02 -1.58
CA ASN A 198 -12.80 -21.18 -0.13
C ASN A 198 -12.84 -22.65 0.24
N ILE A 199 -11.70 -23.19 0.66
CA ILE A 199 -11.58 -24.63 0.92
C ILE A 199 -12.21 -24.93 2.27
N THR A 200 -12.12 -23.97 3.16
CA THR A 200 -12.46 -24.13 4.56
C THR A 200 -12.84 -22.74 4.97
N PRO A 201 -13.72 -22.60 5.96
CA PRO A 201 -14.09 -21.24 6.41
C PRO A 201 -12.89 -20.38 6.86
N ALA A 202 -11.76 -21.03 7.11
CA ALA A 202 -10.55 -20.37 7.60
C ALA A 202 -9.33 -20.60 6.70
N PHE A 203 -9.54 -21.08 5.48
CA PHE A 203 -8.45 -21.22 4.53
C PHE A 203 -8.93 -21.05 3.10
N PHE A 204 -8.24 -20.21 2.34
CA PHE A 204 -8.57 -20.12 0.91
C PHE A 204 -7.36 -19.96 -0.02
N VAL A 205 -7.56 -20.28 -1.28
CA VAL A 205 -6.54 -20.08 -2.30
C VAL A 205 -7.14 -19.19 -3.38
N GLN A 206 -6.29 -18.50 -4.11
CA GLN A 206 -6.77 -17.58 -5.15
C GLN A 206 -5.70 -17.23 -6.15
N VAL A 207 -6.14 -16.94 -7.36
CA VAL A 207 -5.24 -16.55 -8.44
C VAL A 207 -5.97 -15.44 -9.19
N GLY A 208 -5.22 -14.58 -9.85
CA GLY A 208 -5.83 -13.50 -10.61
C GLY A 208 -5.05 -13.15 -11.85
N ALA A 209 -5.69 -12.39 -12.73
CA ALA A 209 -5.01 -11.88 -13.92
C ALA A 209 -5.36 -10.39 -14.06
N PHE A 210 -4.34 -9.54 -13.95
CA PHE A 210 -4.53 -8.09 -14.01
C PHE A 210 -3.87 -7.53 -15.26
N GLU A 211 -4.63 -6.74 -16.00
CA GLU A 211 -4.06 -5.97 -17.09
C GLU A 211 -2.94 -5.14 -16.48
N GLN A 212 -1.77 -5.16 -17.12
CA GLN A 212 -0.63 -4.40 -16.64
C GLN A 212 -0.32 -3.34 -17.71
N ASN A 213 -0.59 -2.08 -17.36
CA ASN A 213 -0.69 -1.00 -18.34
C ASN A 213 -0.28 0.33 -17.73
N PRO A 214 1.02 0.67 -17.82
CA PRO A 214 1.63 1.87 -17.21
C PRO A 214 0.91 3.17 -17.54
N SER A 215 0.20 3.22 -18.66
CA SER A 215 -0.54 4.43 -19.01
C SER A 215 -1.66 4.74 -18.01
N ASN A 216 -2.08 3.74 -17.24
CA ASN A 216 -3.00 3.97 -16.12
C ASN A 216 -2.45 4.97 -15.10
N LEU A 217 -1.13 5.10 -15.05
CA LEU A 217 -0.49 6.00 -14.10
C LEU A 217 -0.53 7.46 -14.56
N GLU A 218 -0.63 7.67 -15.87
CA GLU A 218 -0.66 9.02 -16.44
C GLU A 218 -1.90 9.78 -16.02
N THR A 219 -1.72 10.99 -15.47
CA THR A 219 -2.85 11.91 -15.24
C THR A 219 -3.59 12.15 -16.57
N GLY A 220 -4.90 12.09 -16.52
CA GLY A 220 -5.70 12.06 -17.74
C GLY A 220 -6.37 10.72 -17.86
N ASN A 221 -5.69 9.67 -17.39
CA ASN A 221 -6.23 8.34 -17.52
C ASN A 221 -6.80 7.80 -16.22
N GLY A 222 -7.10 8.70 -15.30
CA GLY A 222 -7.77 8.35 -14.06
C GLY A 222 -9.08 7.61 -14.30
N PHE A 223 -9.70 7.82 -15.45
CA PHE A 223 -10.97 7.17 -15.78
C PHE A 223 -10.85 6.37 -17.07
N LYS A 224 -9.64 5.93 -17.40
CA LYS A 224 -9.41 5.15 -18.61
C LYS A 224 -10.13 3.80 -18.54
N LEU A 225 -10.83 3.44 -19.61
CA LEU A 225 -11.50 2.15 -19.70
C LEU A 225 -10.93 1.33 -20.85
N SER A 226 -10.25 1.99 -21.77
CA SER A 226 -9.60 1.32 -22.88
C SER A 226 -8.45 0.45 -22.39
N GLY A 227 -8.09 -0.57 -23.17
CA GLY A 227 -6.95 -1.42 -22.88
C GLY A 227 -5.66 -1.04 -23.63
N SER A 228 -5.66 0.13 -24.28
CA SER A 228 -4.47 0.60 -25.00
C SER A 228 -3.29 0.89 -24.08
N GLY A 229 -2.09 0.56 -24.54
CA GLY A 229 -0.89 0.70 -23.73
C GLY A 229 -0.57 -0.49 -22.82
N THR A 230 -1.42 -1.52 -22.82
CA THR A 230 -1.15 -2.77 -22.10
C THR A 230 0.20 -3.38 -22.51
N LYS A 231 1.04 -3.68 -21.51
CA LYS A 231 2.36 -4.23 -21.77
C LYS A 231 2.42 -5.74 -21.51
N GLY A 232 1.38 -6.26 -20.88
CA GLY A 232 1.35 -7.63 -20.42
C GLY A 232 0.34 -7.81 -19.30
N ALA A 233 0.53 -8.83 -18.49
CA ALA A 233 -0.43 -9.18 -17.45
C ALA A 233 0.31 -9.48 -16.17
N ILE A 234 -0.27 -9.15 -15.03
CA ILE A 234 0.27 -9.63 -13.77
C ILE A 234 -0.61 -10.75 -13.23
N PRO A 236 -1.01 -12.85 -9.97
CA PRO A 236 -0.70 -13.19 -8.58
C PRO A 236 -1.40 -14.47 -8.14
N GLU A 238 -2.14 -16.86 -4.35
CA GLU A 238 -2.05 -16.69 -2.90
C GLU A 238 -2.80 -17.76 -2.12
N ALA A 239 -2.24 -18.10 -0.96
CA ALA A 239 -2.93 -18.93 0.00
C ALA A 239 -3.08 -18.10 1.25
N VAL A 240 -4.28 -18.09 1.83
CA VAL A 240 -4.57 -17.27 3.01
C VAL A 240 -5.20 -18.12 4.11
N TRP A 241 -4.44 -18.32 5.19
CA TRP A 241 -4.89 -19.11 6.33
C TRP A 241 -5.29 -18.18 7.48
N SER A 242 -6.52 -18.33 7.99
CA SER A 242 -7.01 -17.52 9.09
C SER A 242 -7.42 -18.38 10.27
N PRO A 243 -6.42 -18.96 10.96
CA PRO A 243 -6.75 -19.84 12.08
C PRO A 243 -7.04 -19.05 13.36
N LYS A 244 -7.54 -19.74 14.38
CA LYS A 244 -7.59 -19.17 15.72
C LYS A 244 -6.45 -19.77 16.52
N VAL A 245 -5.66 -18.92 17.15
CA VAL A 245 -4.58 -19.38 18.02
C VAL A 245 -4.98 -18.94 19.41
N ASN A 246 -5.19 -19.91 20.30
CA ASN A 246 -5.67 -19.64 21.65
C ASN A 246 -6.97 -18.85 21.68
N GLY A 247 -7.90 -19.16 20.77
CA GLY A 247 -9.15 -18.44 20.69
C GLY A 247 -9.01 -17.05 20.09
N LEU A 248 -7.80 -16.70 19.68
CA LEU A 248 -7.56 -15.39 19.09
C LEU A 248 -7.29 -15.45 17.57
N PRO A 249 -7.91 -14.55 16.80
CA PRO A 249 -7.80 -14.51 15.33
C PRO A 249 -6.41 -14.16 14.80
N GLY A 250 -5.98 -14.91 13.79
CA GLY A 250 -4.80 -14.55 13.02
C GLY A 250 -5.08 -14.66 11.53
N GLU A 251 -4.14 -14.21 10.72
CA GLU A 251 -4.24 -14.36 9.27
C GLU A 251 -2.85 -14.47 8.63
N TYR A 252 -2.60 -15.57 7.94
CA TYR A 252 -1.30 -15.80 7.34
C TYR A 252 -1.44 -15.94 5.83
N ARG A 253 -0.65 -15.17 5.09
CA ARG A 253 -0.70 -15.16 3.63
C ARG A 253 0.61 -15.57 3.04
N LEU A 254 0.57 -16.43 2.03
CA LEU A 254 1.76 -16.76 1.25
C LEU A 254 1.41 -16.64 -0.22
N GLY A 255 2.21 -15.88 -0.96
CA GLY A 255 1.91 -15.61 -2.36
C GLY A 255 3.08 -15.48 -3.31
N TYR A 256 2.76 -15.51 -4.60
CA TYR A 256 3.73 -15.40 -5.67
C TYR A 256 3.08 -14.58 -6.79
N TYR A 257 3.85 -13.73 -7.46
CA TYR A 257 3.33 -13.01 -8.63
C TYR A 257 4.22 -13.26 -9.84
N TYR A 258 3.61 -13.19 -11.02
CA TYR A 258 4.34 -13.31 -12.27
C TYR A 258 3.80 -12.26 -13.23
N SER A 259 4.71 -11.56 -13.89
CA SER A 259 4.31 -10.46 -14.74
C SER A 259 4.82 -10.68 -16.14
N THR A 260 3.92 -10.65 -17.11
CA THR A 260 4.26 -11.03 -18.47
C THR A 260 4.80 -9.89 -19.32
N ALA A 261 4.98 -8.72 -18.72
CA ALA A 261 5.51 -7.57 -19.47
C ALA A 261 7.06 -7.53 -19.47
N LYS A 262 7.63 -6.92 -20.50
CA LYS A 262 9.09 -6.75 -20.57
C LYS A 262 9.60 -5.86 -19.44
N ALA A 263 10.67 -6.28 -18.78
CA ALA A 263 11.38 -5.41 -17.84
C ALA A 263 12.88 -5.33 -18.15
N ASP A 264 13.48 -4.18 -17.82
CA ASP A 264 14.92 -4.00 -18.06
C ASP A 264 15.76 -4.57 -16.94
N ASP A 265 16.90 -5.16 -17.31
CA ASP A 265 17.92 -5.56 -16.35
C ASP A 265 18.37 -4.32 -15.59
N VAL A 266 18.93 -4.53 -14.40
CA VAL A 266 19.37 -3.40 -13.61
C VAL A 266 20.84 -3.09 -13.89
N TYR A 267 21.51 -3.94 -14.67
CA TYR A 267 22.96 -3.86 -14.83
C TYR A 267 23.48 -4.24 -16.24
N ASP A 268 23.03 -5.38 -16.76
CA ASP A 268 23.50 -5.86 -18.05
C ASP A 268 22.92 -5.06 -19.21
N ASP A 269 23.76 -4.71 -20.18
CA ASP A 269 23.26 -4.17 -21.43
C ASP A 269 22.85 -5.32 -22.35
N VAL A 270 22.25 -5.00 -23.48
CA VAL A 270 21.77 -6.01 -24.43
C VAL A 270 22.81 -7.12 -24.78
N ASN A 271 24.10 -6.83 -24.61
CA ASN A 271 25.16 -7.81 -24.93
C ASN A 271 25.74 -8.54 -23.73
N GLY A 272 25.36 -8.12 -22.52
CA GLY A 272 25.85 -8.75 -21.32
C GLY A 272 27.02 -8.02 -20.70
N ASN A 273 27.37 -6.87 -21.29
CA ASN A 273 28.38 -5.98 -20.74
C ASN A 273 27.74 -5.03 -19.74
N PRO A 274 28.54 -4.48 -18.81
CA PRO A 274 27.92 -3.56 -17.84
C PRO A 274 27.44 -2.31 -18.57
N GLN A 275 26.14 -2.03 -18.54
CA GLN A 275 25.59 -0.93 -19.34
C GLN A 275 26.13 0.45 -18.95
N ALA A 276 26.60 0.61 -17.71
CA ALA A 276 27.20 1.85 -17.26
C ALA A 276 28.45 2.20 -18.07
N LEU A 277 29.08 1.18 -18.64
CA LEU A 277 30.27 1.36 -19.46
C LEU A 277 29.94 1.59 -20.93
N THR A 278 28.76 1.14 -21.37
CA THR A 278 28.47 1.17 -22.79
C THR A 278 27.47 2.23 -23.19
N GLY A 279 26.48 2.46 -22.36
CA GLY A 279 25.43 3.40 -22.69
C GLY A 279 24.45 2.81 -23.68
N GLU A 280 24.58 1.51 -23.92
CA GLU A 280 23.63 0.81 -24.78
C GLU A 280 22.37 0.49 -23.98
N ALA A 281 21.34 0.00 -24.65
CA ALA A 281 20.10 -0.35 -23.96
C ALA A 281 20.32 -1.51 -22.99
N PHE A 282 19.52 -1.55 -21.93
CA PHE A 282 19.60 -2.64 -20.97
C PHE A 282 19.14 -3.93 -21.63
N LYS A 283 19.63 -5.06 -21.14
CA LYS A 283 19.09 -6.34 -21.55
C LYS A 283 17.64 -6.38 -21.09
N SER A 284 16.78 -6.94 -21.92
CA SER A 284 15.36 -7.00 -21.59
C SER A 284 15.00 -8.45 -21.20
N HIS A 285 14.16 -8.58 -20.17
CA HIS A 285 13.66 -9.88 -19.75
C HIS A 285 12.17 -9.94 -20.03
N SER A 286 11.68 -11.14 -20.34
CA SER A 286 10.29 -11.27 -20.73
C SER A 286 9.31 -11.25 -19.54
N SER A 287 9.84 -11.15 -18.32
CA SER A 287 8.99 -11.16 -17.12
C SER A 287 9.64 -10.60 -15.87
N LYS A 288 8.82 -10.40 -14.84
CA LYS A 288 9.27 -10.15 -13.47
C LYS A 288 8.54 -11.19 -12.62
N HIS A 289 9.03 -11.43 -11.40
CA HIS A 289 8.37 -12.37 -10.49
C HIS A 289 8.85 -12.16 -9.05
N GLY A 290 8.05 -12.60 -8.08
CA GLY A 290 8.45 -12.52 -6.69
C GLY A 290 7.51 -13.23 -5.74
N TRP A 291 7.82 -13.19 -4.44
CA TRP A 291 7.03 -13.88 -3.42
C TRP A 291 6.72 -12.95 -2.26
N TRP A 292 5.80 -13.36 -1.40
CA TRP A 292 5.46 -12.53 -0.25
C TRP A 292 4.85 -13.34 0.88
N VAL A 293 5.02 -12.81 2.08
CA VAL A 293 4.37 -13.37 3.27
C VAL A 293 3.73 -12.23 4.03
N VAL A 294 2.51 -12.43 4.47
CA VAL A 294 1.89 -11.52 5.42
C VAL A 294 1.41 -12.32 6.59
N ALA A 295 1.74 -11.86 7.79
CA ALA A 295 1.27 -12.53 8.97
C ALA A 295 0.76 -11.51 9.97
N GLN A 296 -0.40 -11.78 10.55
CA GLN A 296 -0.97 -10.94 11.58
C GLN A 296 -1.60 -11.85 12.61
N GLN A 297 -1.35 -11.60 13.88
CA GLN A 297 -1.87 -12.46 14.93
C GLN A 297 -2.20 -11.69 16.19
N GLN A 298 -3.40 -11.90 16.72
CA GLN A 298 -3.71 -11.40 18.04
C GLN A 298 -3.14 -12.38 19.07
N VAL A 299 -2.33 -11.88 19.99
CA VAL A 299 -1.72 -12.76 20.97
C VAL A 299 -2.24 -12.63 22.41
N THR A 300 -2.87 -11.51 22.75
CA THR A 300 -3.54 -11.39 24.06
C THR A 300 -4.95 -10.82 24.00
N ALA A 301 -5.77 -11.15 24.99
CA ALA A 301 -7.11 -10.59 25.10
C ALA A 301 -7.20 -9.85 26.42
N HIS A 302 -7.06 -8.52 26.36
CA HIS A 302 -7.01 -7.68 27.57
C HIS A 302 -8.14 -7.95 28.56
N GLY A 303 -7.78 -8.41 29.75
CA GLY A 303 -8.75 -8.80 30.76
C GLY A 303 -9.92 -9.60 30.20
N GLY A 304 -9.65 -10.53 29.30
CA GLY A 304 -10.70 -11.35 28.73
C GLY A 304 -11.50 -10.74 27.59
N ASP A 305 -11.33 -9.43 27.35
CA ASP A 305 -11.99 -8.78 26.24
C ASP A 305 -11.23 -9.04 24.94
N VAL A 306 -11.86 -9.79 24.05
CA VAL A 306 -11.33 -10.12 22.73
C VAL A 306 -11.09 -8.85 21.90
N ASN A 307 -11.91 -7.82 22.14
CA ASN A 307 -11.83 -6.59 21.38
C ASN A 307 -10.69 -5.67 21.86
N ARG A 308 -9.93 -6.13 22.83
CA ARG A 308 -8.75 -5.41 23.29
C ARG A 308 -7.55 -6.39 23.37
N GLY A 309 -6.35 -5.86 23.50
CA GLY A 309 -5.16 -6.68 23.62
C GLY A 309 -4.07 -6.38 22.60
N LEU A 310 -3.03 -7.23 22.60
CA LEU A 310 -1.86 -7.08 21.74
C LEU A 310 -1.94 -7.89 20.45
N SER A 311 -1.67 -7.23 19.32
CA SER A 311 -1.59 -7.90 18.04
C SER A 311 -0.20 -7.71 17.44
N LEU A 312 0.39 -8.78 16.91
CA LEU A 312 1.68 -8.69 16.25
C LEU A 312 1.48 -8.76 14.74
N PHE A 313 2.41 -8.19 13.99
CA PHE A 313 2.34 -8.32 12.53
C PHE A 313 3.71 -8.34 11.89
N ALA A 314 3.77 -8.95 10.71
CA ALA A 314 5.00 -9.02 9.93
C ALA A 314 4.73 -9.15 8.44
N ASN A 315 5.61 -8.57 7.65
CA ASN A 315 5.56 -8.66 6.20
C ASN A 315 6.97 -8.92 5.68
N PHE A 316 7.07 -9.80 4.70
CA PHE A 316 8.33 -10.09 4.05
C PHE A 316 8.05 -10.11 2.55
N THR A 317 9.05 -9.72 1.78
CA THR A 317 8.82 -9.55 0.38
C THR A 317 10.15 -9.88 -0.30
N VAL A 318 10.07 -10.46 -1.49
CA VAL A 318 11.26 -10.93 -2.21
C VAL A 318 11.02 -10.78 -3.71
N HIS A 319 11.99 -10.20 -4.42
CA HIS A 319 11.83 -9.84 -5.84
C HIS A 319 12.98 -10.26 -6.71
N ASP A 320 12.71 -10.43 -8.01
CA ASP A 320 13.74 -10.93 -8.91
C ASP A 320 14.94 -9.99 -8.99
N LYS A 321 16.13 -10.53 -8.71
CA LYS A 321 17.38 -9.79 -8.76
C LYS A 321 17.66 -9.20 -10.14
N ALA A 322 17.10 -9.80 -11.19
CA ALA A 322 17.37 -9.33 -12.54
C ALA A 322 16.90 -7.90 -12.77
N THR A 323 15.66 -7.59 -12.38
CA THR A 323 14.98 -6.37 -12.83
C THR A 323 14.49 -5.40 -11.75
N ASN A 324 14.34 -5.89 -10.52
CA ASN A 324 13.71 -5.13 -9.46
C ASN A 324 14.70 -4.34 -8.60
N VAL A 325 14.43 -3.05 -8.40
CA VAL A 325 15.34 -2.18 -7.65
C VAL A 325 15.41 -2.59 -6.18
N VAL A 326 14.24 -2.72 -5.55
CA VAL A 326 14.15 -3.34 -4.23
C VAL A 326 14.34 -4.85 -4.33
N ASP A 327 15.38 -5.32 -3.65
CA ASP A 327 15.84 -6.70 -3.67
C ASP A 327 14.86 -7.56 -2.86
N ASN A 328 14.66 -7.12 -1.61
CA ASN A 328 13.88 -7.83 -0.62
C ASN A 328 13.45 -6.81 0.45
N TYR A 329 12.43 -7.12 1.22
CA TYR A 329 11.95 -6.20 2.25
C TYR A 329 11.37 -6.95 3.45
N GLN A 330 11.58 -6.41 4.64
CA GLN A 330 11.03 -7.03 5.84
C GLN A 330 10.34 -5.97 6.66
N GLN A 331 9.36 -6.39 7.44
CA GLN A 331 8.70 -5.47 8.33
C GLN A 331 8.11 -6.23 9.50
N VAL A 332 8.32 -5.68 10.68
CA VAL A 332 7.82 -6.26 11.91
C VAL A 332 7.19 -5.14 12.73
N GLY A 333 6.11 -5.43 13.44
CA GLY A 333 5.51 -4.41 14.28
C GLY A 333 4.45 -4.95 15.20
N LEU A 334 3.79 -4.07 15.96
CA LEU A 334 2.70 -4.48 16.84
C LEU A 334 1.66 -3.40 16.95
N VAL A 335 0.45 -3.77 17.34
CA VAL A 335 -0.51 -2.75 17.79
C VAL A 335 -1.30 -3.22 18.98
N TYR A 336 -1.47 -2.33 19.95
CA TYR A 336 -2.26 -2.65 21.12
C TYR A 336 -3.56 -1.86 21.09
N LYS A 337 -4.70 -2.56 21.08
CA LYS A 337 -6.01 -1.97 21.31
C LYS A 337 -6.36 -1.94 22.79
N GLY A 338 -6.70 -0.76 23.30
CA GLY A 338 -7.31 -0.62 24.62
C GLY A 338 -6.40 -0.96 25.78
N ALA A 339 -5.18 -0.43 25.75
CA ALA A 339 -4.27 -0.61 26.88
C ALA A 339 -4.92 -0.11 28.16
N PHE A 340 -5.67 0.98 28.07
CA PHE A 340 -6.26 1.57 29.26
C PHE A 340 -7.79 1.47 29.31
N ASP A 341 -8.32 1.14 30.47
CA ASP A 341 -9.77 0.94 30.64
C ASP A 341 -10.59 2.18 30.30
N ALA A 342 -9.98 3.35 30.48
CA ALA A 342 -10.58 4.62 30.16
C ALA A 342 -10.82 4.80 28.66
N ARG A 343 -9.89 4.32 27.84
CA ARG A 343 -9.99 4.51 26.40
C ARG A 343 -9.87 3.18 25.64
N PRO A 344 -10.90 2.33 25.78
CA PRO A 344 -10.92 0.93 25.35
C PRO A 344 -10.92 0.73 23.83
N LYS A 345 -11.18 1.79 23.06
CA LYS A 345 -11.17 1.67 21.62
C LYS A 345 -9.95 2.33 20.97
N ASP A 346 -9.08 2.94 21.79
CA ASP A 346 -7.86 3.55 21.27
C ASP A 346 -6.81 2.50 20.94
N ASP A 347 -5.87 2.84 20.07
CA ASP A 347 -4.80 1.89 19.77
C ASP A 347 -3.39 2.52 19.75
N ILE A 348 -2.40 1.68 20.04
CA ILE A 348 -1.01 2.08 20.01
C ILE A 348 -0.28 1.25 18.98
N GLY A 349 0.36 1.88 18.00
CA GLY A 349 1.07 1.15 16.99
C GLY A 349 2.57 1.37 17.02
N PHE A 350 3.33 0.33 16.68
CA PHE A 350 4.76 0.48 16.41
C PHE A 350 5.22 -0.49 15.35
N GLY A 351 5.98 0.02 14.38
CA GLY A 351 6.45 -0.80 13.27
C GLY A 351 7.85 -0.46 12.81
N VAL A 352 8.60 -1.47 12.39
CA VAL A 352 9.94 -1.26 11.85
C VAL A 352 9.98 -1.97 10.51
N ALA A 353 10.56 -1.32 9.51
CA ALA A 353 10.69 -1.92 8.19
C ALA A 353 12.09 -1.74 7.68
N ARG A 354 12.55 -2.73 6.93
CA ARG A 354 13.85 -2.68 6.27
C ARG A 354 13.60 -2.86 4.79
N ILE A 355 14.17 -1.97 3.98
CA ILE A 355 14.01 -2.03 2.54
C ILE A 355 15.38 -2.09 1.87
N HIS A 356 15.74 -3.26 1.36
CA HIS A 356 17.06 -3.44 0.78
C HIS A 356 17.09 -3.26 -0.74
N VAL A 357 18.11 -2.56 -1.23
CA VAL A 357 18.27 -2.33 -2.66
C VAL A 357 19.23 -3.33 -3.29
N ASN A 358 18.73 -3.98 -4.34
CA ASN A 358 19.51 -4.82 -5.27
C ASN A 358 20.92 -4.30 -5.48
N ASP A 359 21.90 -5.09 -5.06
CA ASP A 359 23.29 -4.69 -5.08
C ASP A 359 23.80 -4.27 -6.47
N ASP A 360 23.28 -4.87 -7.53
CA ASP A 360 23.74 -4.53 -8.86
C ASP A 360 23.34 -3.09 -9.20
N VAL A 361 22.25 -2.62 -8.61
CA VAL A 361 21.82 -1.25 -8.83
C VAL A 361 22.90 -0.31 -8.29
N LYS A 362 23.43 -0.66 -7.13
CA LYS A 362 24.49 0.10 -6.51
C LYS A 362 25.78 -0.04 -7.31
N LYS A 363 26.10 -1.27 -7.74
CA LYS A 363 27.31 -1.52 -8.52
C LYS A 363 27.32 -0.71 -9.80
N ARG A 364 26.16 -0.64 -10.44
CA ARG A 364 26.00 0.15 -11.66
C ARG A 364 26.30 1.62 -11.38
N ALA A 365 25.85 2.09 -10.22
CA ALA A 365 26.04 3.47 -9.85
C ALA A 365 27.52 3.78 -9.63
N GLU A 366 28.21 2.85 -8.97
CA GLU A 366 29.63 3.02 -8.68
C GLU A 366 30.39 3.16 -9.98
N LEU A 367 29.97 2.37 -10.96
CA LEU A 367 30.50 2.42 -12.31
C LEU A 367 30.28 3.77 -12.98
N LEU A 368 29.04 4.28 -12.90
CA LEU A 368 28.69 5.59 -13.43
C LEU A 368 29.63 6.67 -12.88
N ASN A 369 29.83 6.65 -11.58
CA ASN A 369 30.66 7.65 -10.91
C ASN A 369 32.11 7.54 -11.34
N ALA A 370 32.55 6.29 -11.50
CA ALA A 370 33.89 5.98 -11.95
C ALA A 370 34.13 6.49 -13.36
N GLN A 371 33.12 6.37 -14.20
CA GLN A 371 33.27 6.76 -15.59
C GLN A 371 33.05 8.25 -15.82
N SER A 372 32.26 8.89 -14.95
CA SER A 372 32.11 10.35 -15.07
C SER A 372 33.26 11.07 -14.39
N GLY A 373 34.01 10.35 -13.58
CA GLY A 373 35.10 10.96 -12.84
C GLY A 373 34.62 11.79 -11.67
N ILE A 374 33.36 11.61 -11.27
CA ILE A 374 32.79 12.40 -10.20
C ILE A 374 32.67 11.55 -8.95
N ASN A 375 33.38 11.93 -7.89
CA ASN A 375 33.50 11.03 -6.74
C ASN A 375 32.97 11.64 -5.46
N ASP A 376 32.65 12.92 -5.53
CA ASP A 376 32.12 13.67 -4.40
C ASP A 376 30.58 13.64 -4.39
N TYR A 377 30.01 13.10 -3.31
CA TYR A 377 28.55 13.03 -3.12
C TYR A 377 27.82 14.38 -3.20
N ASP A 378 28.50 15.47 -2.87
CA ASP A 378 27.89 16.79 -2.87
C ASP A 378 27.84 17.36 -4.28
N ASN A 379 28.42 16.65 -5.24
CA ASN A 379 28.38 17.12 -6.61
C ASN A 379 27.11 16.60 -7.29
N PRO A 380 26.28 17.52 -7.82
CA PRO A 380 25.00 17.20 -8.47
C PRO A 380 25.09 16.07 -9.49
N GLY A 381 26.21 15.94 -10.18
CA GLY A 381 26.39 14.88 -11.16
C GLY A 381 26.74 13.53 -10.55
N PHE A 382 26.98 13.51 -9.24
CA PHE A 382 27.32 12.26 -8.58
C PHE A 382 26.02 11.52 -8.41
N VAL A 383 26.09 10.19 -8.55
CA VAL A 383 24.92 9.33 -8.47
C VAL A 383 24.93 8.49 -7.19
N PRO A 384 24.09 8.84 -6.22
CA PRO A 384 24.09 8.24 -4.88
C PRO A 384 24.04 6.72 -4.88
N LEU A 385 24.77 6.12 -3.95
CA LEU A 385 24.83 4.68 -3.80
C LEU A 385 23.68 4.25 -2.92
N GLN A 386 22.73 3.52 -3.49
CA GLN A 386 21.55 3.13 -2.75
C GLN A 386 21.73 1.75 -2.13
N ARG A 387 21.58 1.71 -0.81
CA ARG A 387 21.89 0.51 -0.03
C ARG A 387 20.68 -0.04 0.74
N THR A 388 20.36 0.53 1.90
CA THR A 388 19.25 0.00 2.70
C THR A 388 18.58 1.11 3.48
N GLU A 389 17.26 1.20 3.34
CA GLU A 389 16.46 2.22 3.99
C GLU A 389 15.67 1.56 5.10
N TYR A 390 15.62 2.21 6.26
CA TYR A 390 14.80 1.72 7.36
C TYR A 390 13.70 2.72 7.67
N ASN A 391 12.53 2.22 8.06
CA ASN A 391 11.44 3.09 8.48
C ASN A 391 10.91 2.60 9.80
N ALA A 392 10.49 3.54 10.64
CA ALA A 392 9.79 3.18 11.88
C ALA A 392 8.71 4.19 12.22
N GLU A 393 7.58 3.68 12.71
CA GLU A 393 6.51 4.55 13.16
C GLU A 393 5.99 4.13 14.52
N LEU A 394 5.74 5.11 15.38
CA LEU A 394 5.00 4.87 16.61
C LEU A 394 3.79 5.81 16.57
N TYR A 395 2.60 5.26 16.79
CA TYR A 395 1.41 6.10 16.74
C TYR A 395 0.44 5.86 17.90
N TYR A 396 -0.49 6.78 18.06
CA TYR A 396 -1.58 6.62 19.03
C TYR A 396 -2.88 7.03 18.35
N GLY A 397 -3.85 6.12 18.32
CA GLY A 397 -5.12 6.40 17.66
C GLY A 397 -6.22 6.76 18.65
N PHE A 398 -6.69 8.02 18.62
CA PHE A 398 -7.85 8.38 19.46
C PHE A 398 -9.09 7.99 18.71
N HIS A 399 -9.93 7.19 19.34
CA HIS A 399 -11.23 6.88 18.79
C HIS A 399 -12.19 7.99 19.23
N VAL A 400 -12.27 9.06 18.44
CA VAL A 400 -13.11 10.19 18.78
C VAL A 400 -14.58 9.81 18.72
N THR A 401 -15.02 9.37 17.54
CA THR A 401 -16.33 8.78 17.36
C THR A 401 -16.20 7.50 16.55
N ASN A 402 -17.32 6.88 16.21
CA ASN A 402 -17.29 5.73 15.30
C ASN A 402 -17.12 6.20 13.86
N TRP A 403 -17.14 7.51 13.64
CA TRP A 403 -16.96 8.07 12.31
C TRP A 403 -15.70 8.91 12.23
N LEU A 404 -14.93 8.97 13.32
CA LEU A 404 -13.74 9.82 13.35
C LEU A 404 -12.63 9.21 14.20
N THR A 405 -11.47 9.01 13.58
CA THR A 405 -10.27 8.58 14.31
C THR A 405 -9.12 9.54 13.98
N VAL A 406 -8.38 9.92 15.00
CA VAL A 406 -7.31 10.89 14.86
C VAL A 406 -6.06 10.22 15.41
N ARG A 407 -5.05 10.01 14.56
CA ARG A 407 -3.81 9.43 15.10
C ARG A 407 -2.52 10.18 14.84
N PRO A 408 -2.04 10.91 15.86
CA PRO A 408 -0.69 11.46 15.82
C PRO A 408 0.31 10.32 15.76
N ASN A 409 1.42 10.58 15.07
CA ASN A 409 2.47 9.59 14.97
C ASN A 409 3.85 10.21 14.89
N LEU A 410 4.86 9.39 15.17
CA LEU A 410 6.25 9.77 15.09
C LEU A 410 6.92 8.80 14.15
N GLN A 411 7.60 9.33 13.14
CA GLN A 411 8.28 8.49 12.15
C GLN A 411 9.76 8.72 12.15
N TYR A 412 10.53 7.65 11.98
CA TYR A 412 11.98 7.71 11.94
C TYR A 412 12.50 6.98 10.73
N ILE A 413 13.39 7.63 9.99
CA ILE A 413 13.89 7.08 8.74
C ILE A 413 15.41 7.07 8.67
N LYS A 414 15.99 5.87 8.58
CA LYS A 414 17.42 5.71 8.49
C LYS A 414 17.81 5.49 7.03
N SER A 415 18.73 6.31 6.53
CA SER A 415 19.09 6.28 5.12
C SER A 415 17.89 6.36 4.18
N PRO A 416 17.30 7.55 4.06
CA PRO A 416 16.27 7.80 3.05
C PRO A 416 16.81 7.42 1.68
N GLY A 417 15.98 6.73 0.90
CA GLY A 417 16.40 6.24 -0.40
C GLY A 417 17.55 5.25 -0.39
N GLY A 418 17.88 4.73 0.80
CA GLY A 418 18.99 3.80 0.93
C GLY A 418 20.34 4.51 0.99
N VAL A 419 20.28 5.84 1.02
CA VAL A 419 21.50 6.63 0.93
C VAL A 419 22.07 6.99 2.30
N ASP A 420 23.17 6.33 2.65
CA ASP A 420 23.81 6.52 3.95
C ASP A 420 24.29 7.94 4.15
N GLU A 421 24.44 8.69 3.07
CA GLU A 421 24.93 10.06 3.16
C GLU A 421 23.84 11.03 3.58
N VAL A 422 22.60 10.55 3.68
CA VAL A 422 21.49 11.39 4.09
C VAL A 422 21.23 11.12 5.56
N ASP A 423 21.21 12.18 6.37
CA ASP A 423 21.04 12.02 7.82
C ASP A 423 19.69 11.43 8.16
N ASN A 424 19.65 10.68 9.26
CA ASN A 424 18.40 10.13 9.76
C ASN A 424 17.36 11.23 9.88
N ALA A 425 16.12 10.92 9.51
CA ALA A 425 15.05 11.90 9.57
C ALA A 425 14.08 11.61 10.71
N LEU A 426 13.72 12.64 11.48
CA LEU A 426 12.64 12.53 12.46
C LEU A 426 11.45 13.33 11.94
N VAL A 427 10.32 12.65 11.76
CA VAL A 427 9.16 13.28 11.19
C VAL A 427 7.97 13.19 12.14
N ALA A 428 7.23 14.29 12.25
CA ALA A 428 5.99 14.33 13.00
C ALA A 428 4.83 14.20 12.03
N GLY A 429 3.91 13.29 12.33
CA GLY A 429 2.75 13.09 11.48
C GLY A 429 1.45 13.19 12.26
N LEU A 430 0.38 13.47 11.54
CA LEU A 430 -0.98 13.41 12.08
C LEU A 430 -1.87 12.79 11.01
N LYS A 431 -2.51 11.68 11.35
CA LYS A 431 -3.33 10.99 10.37
C LYS A 431 -4.77 11.01 10.83
N ILE A 432 -5.67 11.40 9.93
CA ILE A 432 -7.09 11.51 10.21
C ILE A 432 -7.89 10.59 9.29
N GLN A 433 -8.84 9.86 9.87
CA GLN A 433 -9.73 9.01 9.09
C GLN A 433 -11.15 9.30 9.46
N SER A 434 -11.99 9.57 8.47
CA SER A 434 -13.39 9.82 8.76
C SER A 434 -14.36 9.36 7.67
N SER A 435 -15.52 8.86 8.10
CA SER A 435 -16.55 8.45 7.16
C SER A 435 -17.80 9.29 7.34
N PHE A 436 -18.29 9.83 6.23
CA PHE A 436 -19.41 10.75 6.25
C PHE A 436 -20.71 9.99 6.20
#